data_3BKJ
#
_entry.id   3BKJ
#
_cell.length_a   51.743
_cell.length_b   66.632
_cell.length_c   115.160
_cell.angle_alpha   90.000
_cell.angle_beta   90.000
_cell.angle_gamma   90.000
#
_symmetry.space_group_name_H-M   'P 21 21 21'
#
loop_
_entity.id
_entity.type
_entity.pdbx_description
1 polymer 'WO2 IgG2a Fab fragment Light Chain Kappa'
2 polymer 'WO2 IgG2a Fab fragment Heavy Chain'
3 polymer 'Amyloid Beta Peptide'
4 water water
#
loop_
_entity_poly.entity_id
_entity_poly.type
_entity_poly.pdbx_seq_one_letter_code
_entity_poly.pdbx_strand_id
1 'polypeptide(L)'
;DQSPQAVSSGCLLKMKLPVRLLVLMFWIPGSSSDVLMTQTPLSLPVNLGEQASISCRSSQSIVHSNGHTYLEWYLQRPGQ
SPKLLIYQVSTRFSGVPDRFSGSGSGTDFTLRISRVEAEDLGVYYCFQASLVPLTFGAGTKLELKRADAAPTVSIFPPSS
EQLTSGGASVVCFLNNFYPKDINVKWKIDGSERQNGVLNSWTDQDSKDSTYSMSSTLTLTKDEYERHNSYTCEATHKTST
SPIVKSFNRNEC
;
L
2 'polypeptide(L)'
;VTLKESGPGLLKPSQTLSLTCSFSGFSIRTSKVGVSWIRQPSGKGLEWLAHIYWDDDKRYNPSLESRLTISKDTSRDMVF
MKITSVDTADTATYYCARRGFYGRKYEVNHFDYWGQGTTLTVSSAKTTAPSVYPLAPVCGDTTGSSVTLGCLVKGYFPEP
VTLTWNSGSLSSGVHTFPAVLQSDLYTLSSSVTVTSSTWPSESITCNVAHPASSTKVDKKIVPR
;
H
3 'polypeptide(L)' DAEFRHDSGYEVHHQK A
#
# COMPACT_ATOMS: atom_id res chain seq x y z
N ASP A 34 -13.61 -22.20 -1.80
CA ASP A 34 -12.33 -21.73 -1.16
C ASP A 34 -12.63 -21.18 0.24
N VAL A 35 -11.57 -21.02 1.03
CA VAL A 35 -11.74 -20.70 2.43
C VAL A 35 -11.54 -19.22 2.59
N LEU A 36 -12.59 -18.53 3.02
CA LEU A 36 -12.49 -17.12 3.34
C LEU A 36 -12.01 -16.93 4.77
N MET A 37 -11.03 -16.06 4.97
CA MET A 37 -10.47 -15.79 6.27
C MET A 37 -10.85 -14.38 6.64
N THR A 38 -11.71 -14.26 7.65
CA THR A 38 -12.30 -12.97 8.01
C THR A 38 -11.71 -12.50 9.33
N GLN A 39 -10.96 -11.41 9.26
CA GLN A 39 -10.35 -10.80 10.44
C GLN A 39 -11.17 -9.66 10.95
N THR A 40 -11.27 -9.57 12.27
CA THR A 40 -11.95 -8.46 12.92
C THR A 40 -11.12 -8.02 14.10
N PRO A 41 -10.87 -6.70 14.25
CA PRO A 41 -11.26 -5.67 13.28
C PRO A 41 -10.21 -5.59 12.18
N LEU A 42 -10.44 -4.74 11.20
CA LEU A 42 -9.46 -4.49 10.15
C LEU A 42 -8.49 -3.39 10.55
N SER A 43 -8.92 -2.47 11.42
CA SER A 43 -8.05 -1.45 12.00
C SER A 43 -8.18 -1.55 13.50
N LEU A 44 -7.05 -1.57 14.19
CA LEU A 44 -7.01 -1.70 15.65
C LEU A 44 -6.04 -0.68 16.25
N PRO A 45 -6.58 0.49 16.64
CA PRO A 45 -5.74 1.47 17.30
C PRO A 45 -5.50 1.08 18.75
N VAL A 46 -4.28 1.23 19.22
CA VAL A 46 -3.96 0.90 20.60
C VAL A 46 -3.01 1.94 21.18
N ASN A 47 -3.01 2.08 22.50
CA ASN A 47 -1.88 2.71 23.17
C ASN A 47 -0.77 1.70 23.48
N LEU A 48 0.48 2.09 23.27
CA LEU A 48 1.60 1.25 23.67
C LEU A 48 1.44 0.86 25.14
N GLY A 49 1.68 -0.40 25.42
CA GLY A 49 1.50 -0.91 26.76
C GLY A 49 0.17 -1.58 27.02
N GLU A 50 -0.84 -1.36 26.17
CA GLU A 50 -2.13 -2.00 26.35
C GLU A 50 -2.15 -3.39 25.69
N GLN A 51 -3.17 -4.17 26.03
CA GLN A 51 -3.41 -5.46 25.37
C GLN A 51 -4.06 -5.20 24.02
N ALA A 52 -3.91 -6.17 23.12
CA ALA A 52 -4.57 -6.16 21.84
C ALA A 52 -5.09 -7.55 21.55
N SER A 53 -6.17 -7.63 20.79
CA SER A 53 -6.80 -8.90 20.45
C SER A 53 -7.26 -8.82 19.01
N ILE A 54 -6.92 -9.82 18.19
CA ILE A 54 -7.39 -9.91 16.78
C ILE A 54 -8.06 -11.25 16.56
N SER A 55 -9.26 -11.19 16.02
CA SER A 55 -10.06 -12.38 15.74
C SER A 55 -9.93 -12.76 14.27
N CYS A 56 -9.90 -14.06 14.02
CA CYS A 56 -9.86 -14.63 12.67
C CYS A 56 -10.86 -15.77 12.59
N ARG A 57 -11.77 -15.69 11.62
CA ARG A 57 -12.76 -16.71 11.40
C ARG A 57 -12.57 -17.29 10.00
N SER A 58 -12.42 -18.60 9.92
CA SER A 58 -12.40 -19.26 8.61
C SER A 58 -13.83 -19.65 8.24
N SER A 59 -14.12 -19.69 6.95
CA SER A 59 -15.51 -19.96 6.48
C SER A 59 -15.87 -21.43 6.57
N GLN A 60 -14.86 -22.28 6.68
CA GLN A 60 -15.03 -23.69 6.96
C GLN A 60 -13.88 -24.19 7.84
N SER A 61 -14.03 -25.38 8.40
CA SER A 61 -13.01 -25.95 9.27
C SER A 61 -11.69 -26.05 8.50
N ILE A 62 -10.60 -25.68 9.16
CA ILE A 62 -9.27 -25.83 8.58
C ILE A 62 -8.44 -26.89 9.31
N VAL A 63 -9.12 -27.79 10.03
CA VAL A 63 -8.47 -29.01 10.48
C VAL A 63 -8.17 -29.88 9.27
N HIS A 64 -6.88 -30.19 9.05
CA HIS A 64 -6.42 -31.03 7.95
C HIS A 64 -6.67 -32.50 8.27
N SER A 65 -6.83 -33.31 7.24
CA SER A 65 -7.02 -34.74 7.43
C SER A 65 -5.88 -35.41 8.20
N ASN A 66 -4.67 -34.87 8.12
CA ASN A 66 -3.55 -35.43 8.88
C ASN A 66 -3.57 -35.18 10.39
N GLY A 67 -4.52 -34.35 10.83
CA GLY A 67 -4.75 -34.06 12.22
C GLY A 67 -4.37 -32.66 12.66
N HIS A 68 -3.54 -31.98 11.85
CA HIS A 68 -3.05 -30.65 12.21
C HIS A 68 -4.01 -29.58 11.71
N THR A 69 -4.03 -28.47 12.43
CA THR A 69 -4.74 -27.28 11.97
C THR A 69 -3.67 -26.27 11.51
N TYR A 70 -3.57 -26.04 10.20
CA TYR A 70 -2.55 -25.15 9.66
C TYR A 70 -3.01 -23.72 9.63
N LEU A 71 -3.11 -23.13 10.82
CA LEU A 71 -3.40 -21.72 10.97
C LEU A 71 -2.14 -21.01 11.44
N GLU A 72 -1.73 -20.03 10.66
CA GLU A 72 -0.51 -19.23 10.92
C GLU A 72 -0.85 -17.75 11.02
N TRP A 73 -0.06 -17.02 11.79
CA TRP A 73 -0.18 -15.57 11.90
C TRP A 73 1.14 -14.99 11.42
N TYR A 74 1.07 -13.98 10.53
CA TYR A 74 2.24 -13.26 10.00
C TYR A 74 2.04 -11.79 10.34
N LEU A 75 3.15 -11.11 10.60
CA LEU A 75 3.17 -9.67 10.85
C LEU A 75 4.03 -9.05 9.76
N GLN A 76 3.50 -8.03 9.10
CA GLN A 76 4.29 -7.22 8.20
C GLN A 76 4.42 -5.82 8.80
N ARG A 77 5.60 -5.48 9.29
CA ARG A 77 5.87 -4.17 9.81
C ARG A 77 6.00 -3.21 8.64
N PRO A 78 5.73 -1.92 8.89
CA PRO A 78 5.82 -0.95 7.83
C PRO A 78 7.16 -1.03 7.15
N GLY A 79 7.14 -1.10 5.83
CA GLY A 79 8.36 -1.11 5.02
C GLY A 79 9.25 -2.32 5.18
N GLN A 80 8.67 -3.44 5.62
CA GLN A 80 9.41 -4.68 5.78
C GLN A 80 8.64 -5.85 5.18
N SER A 81 9.34 -6.98 5.08
CA SER A 81 8.77 -8.23 4.59
C SER A 81 7.93 -8.87 5.68
N PRO A 82 6.90 -9.66 5.28
CA PRO A 82 6.15 -10.41 6.31
C PRO A 82 7.06 -11.38 7.07
N LYS A 83 6.76 -11.57 8.35
CA LYS A 83 7.48 -12.52 9.18
C LYS A 83 6.51 -13.42 9.95
N LEU A 84 6.91 -14.66 10.13
CA LEU A 84 6.10 -15.62 10.86
C LEU A 84 6.07 -15.31 12.34
N LEU A 85 4.86 -15.28 12.91
CA LEU A 85 4.71 -15.14 14.38
C LEU A 85 4.30 -16.43 15.06
N ILE A 86 3.23 -17.06 14.56
CA ILE A 86 2.60 -18.20 15.16
C ILE A 86 2.25 -19.23 14.12
N TYR A 87 2.46 -20.50 14.44
CA TYR A 87 2.08 -21.60 13.55
C TYR A 87 1.31 -22.66 14.31
N GLN A 88 0.60 -23.51 13.58
CA GLN A 88 -0.26 -24.56 14.19
C GLN A 88 -1.16 -23.96 15.29
N VAL A 89 -1.77 -22.81 14.98
CA VAL A 89 -2.68 -22.08 15.87
C VAL A 89 -2.02 -21.39 17.06
N SER A 90 -1.11 -22.06 17.76
CA SER A 90 -0.68 -21.56 19.09
C SER A 90 0.79 -21.66 19.40
N THR A 91 1.61 -22.09 18.43
CA THR A 91 3.05 -22.23 18.66
C THR A 91 3.76 -21.01 18.14
N ARG A 92 4.49 -20.32 19.01
CA ARG A 92 5.31 -19.18 18.60
C ARG A 92 6.55 -19.67 17.89
N PHE A 93 6.85 -18.99 16.79
CA PHE A 93 8.08 -19.21 16.04
C PHE A 93 9.24 -18.68 16.86
N SER A 94 10.41 -19.24 16.64
CA SER A 94 11.62 -18.85 17.37
C SER A 94 11.94 -17.37 17.18
N GLY A 95 12.24 -16.68 18.28
CA GLY A 95 12.48 -15.26 18.28
C GLY A 95 11.28 -14.39 18.58
N VAL A 96 10.07 -14.96 18.52
CA VAL A 96 8.83 -14.22 18.77
C VAL A 96 8.55 -14.15 20.29
N PRO A 97 8.42 -12.93 20.85
CA PRO A 97 8.23 -12.74 22.31
C PRO A 97 6.98 -13.36 22.83
N ASP A 98 7.02 -13.76 24.11
CA ASP A 98 5.91 -14.44 24.74
C ASP A 98 4.70 -13.56 25.05
N ARG A 99 4.81 -12.25 24.82
CA ARG A 99 3.63 -11.39 24.85
C ARG A 99 2.64 -11.74 23.72
N PHE A 100 3.11 -12.44 22.68
CA PHE A 100 2.20 -12.95 21.62
C PHE A 100 1.63 -14.28 22.03
N SER A 101 0.34 -14.46 21.82
CA SER A 101 -0.28 -15.78 22.01
C SER A 101 -1.37 -16.03 21.00
N GLY A 102 -1.38 -17.23 20.46
CA GLY A 102 -2.38 -17.66 19.53
C GLY A 102 -3.25 -18.70 20.19
N SER A 103 -4.54 -18.64 19.91
CA SER A 103 -5.50 -19.59 20.42
C SER A 103 -6.61 -19.87 19.43
N GLY A 104 -7.39 -20.91 19.71
CA GLY A 104 -8.59 -21.20 18.97
C GLY A 104 -8.64 -22.59 18.43
N SER A 105 -9.70 -22.90 17.70
CA SER A 105 -9.84 -24.21 17.10
C SER A 105 -10.87 -24.19 15.99
N GLY A 106 -10.65 -25.05 15.01
CA GLY A 106 -11.63 -25.36 13.97
C GLY A 106 -11.76 -24.24 12.95
N THR A 107 -12.60 -23.27 13.29
CA THR A 107 -12.75 -22.05 12.50
C THR A 107 -12.48 -20.76 13.28
N ASP A 108 -12.26 -20.85 14.59
CA ASP A 108 -12.36 -19.71 15.51
C ASP A 108 -11.00 -19.45 16.13
N PHE A 109 -10.32 -18.38 15.71
CA PHE A 109 -8.95 -18.13 16.11
C PHE A 109 -8.70 -16.73 16.63
N THR A 110 -7.80 -16.61 17.59
CA THR A 110 -7.49 -15.32 18.23
C THR A 110 -5.99 -15.15 18.39
N LEU A 111 -5.51 -13.96 18.03
CA LEU A 111 -4.17 -13.55 18.38
C LEU A 111 -4.28 -12.51 19.48
N ARG A 112 -3.55 -12.72 20.57
CA ARG A 112 -3.49 -11.77 21.65
C ARG A 112 -2.05 -11.24 21.80
N ILE A 113 -1.92 -9.95 22.07
CA ILE A 113 -0.65 -9.32 22.47
C ILE A 113 -0.87 -8.71 23.85
N SER A 114 -0.08 -9.15 24.84
CA SER A 114 -0.38 -8.81 26.24
C SER A 114 -0.11 -7.34 26.56
N ARG A 115 0.94 -6.80 25.94
CA ARG A 115 1.42 -5.45 26.20
C ARG A 115 2.10 -4.97 24.92
N VAL A 116 1.40 -4.18 24.12
CA VAL A 116 1.87 -3.81 22.78
C VAL A 116 3.09 -2.91 22.87
N GLU A 117 4.12 -3.23 22.09
CA GLU A 117 5.34 -2.45 22.00
C GLU A 117 5.44 -1.85 20.60
N ALA A 118 6.32 -0.88 20.43
CA ALA A 118 6.42 -0.14 19.16
C ALA A 118 6.73 -1.04 17.97
N GLU A 119 7.56 -2.07 18.20
CA GLU A 119 7.92 -3.03 17.16
C GLU A 119 6.77 -3.99 16.76
N ASP A 120 5.67 -3.96 17.51
CA ASP A 120 4.49 -4.79 17.18
C ASP A 120 3.56 -4.12 16.17
N LEU A 121 3.67 -2.81 15.99
CA LEU A 121 2.78 -2.11 15.07
C LEU A 121 3.05 -2.55 13.62
N GLY A 122 1.98 -2.74 12.86
CA GLY A 122 2.07 -3.23 11.49
C GLY A 122 0.80 -3.95 11.14
N VAL A 123 0.82 -4.73 10.06
CA VAL A 123 -0.38 -5.44 9.64
C VAL A 123 -0.21 -6.92 9.93
N TYR A 124 -1.23 -7.47 10.60
CA TYR A 124 -1.27 -8.86 11.02
C TYR A 124 -2.20 -9.62 10.08
N TYR A 125 -1.73 -10.76 9.59
CA TYR A 125 -2.50 -11.61 8.69
C TYR A 125 -2.62 -12.98 9.32
N CYS A 126 -3.84 -13.49 9.41
CA CYS A 126 -4.04 -14.91 9.58
C CYS A 126 -4.01 -15.60 8.22
N PHE A 127 -3.69 -16.88 8.23
CA PHE A 127 -3.40 -17.61 7.00
C PHE A 127 -3.71 -19.07 7.22
N GLN A 128 -4.42 -19.72 6.30
CA GLN A 128 -4.67 -21.14 6.42
C GLN A 128 -3.93 -21.86 5.31
N ALA A 129 -3.25 -22.95 5.67
CA ALA A 129 -2.57 -23.78 4.67
C ALA A 129 -3.03 -25.21 4.70
N SER A 130 -4.30 -25.41 5.04
CA SER A 130 -4.92 -26.73 4.99
C SER A 130 -5.58 -27.07 3.65
N LEU A 131 -6.17 -26.06 3.02
CA LEU A 131 -6.91 -26.24 1.78
C LEU A 131 -6.40 -25.30 0.67
N VAL A 132 -6.44 -25.78 -0.57
CA VAL A 132 -6.06 -24.99 -1.74
C VAL A 132 -7.29 -24.29 -2.35
N PRO A 133 -7.21 -22.98 -2.64
CA PRO A 133 -6.02 -22.10 -2.48
C PRO A 133 -5.72 -21.78 -1.03
N LEU A 134 -4.44 -21.76 -0.66
CA LEU A 134 -4.07 -21.22 0.64
C LEU A 134 -4.51 -19.78 0.66
N THR A 135 -5.02 -19.32 1.78
CA THR A 135 -5.62 -18.00 1.84
C THR A 135 -5.28 -17.24 3.09
N PHE A 136 -5.03 -15.94 2.88
CA PHE A 136 -4.83 -14.96 3.91
C PHE A 136 -6.12 -14.21 4.27
N GLY A 137 -6.20 -13.76 5.50
CA GLY A 137 -7.11 -12.69 5.84
C GLY A 137 -6.74 -11.38 5.17
N ALA A 138 -7.62 -10.40 5.30
CA ALA A 138 -7.45 -9.11 4.63
C ALA A 138 -6.34 -8.28 5.26
N GLY A 139 -6.00 -8.64 6.50
CA GLY A 139 -5.01 -7.93 7.28
C GLY A 139 -5.63 -7.01 8.30
N THR A 140 -5.06 -6.98 9.50
CA THR A 140 -5.49 -6.07 10.57
C THR A 140 -4.33 -5.14 10.87
N LYS A 141 -4.54 -3.84 10.67
CA LYS A 141 -3.53 -2.84 10.94
C LYS A 141 -3.55 -2.46 12.42
N LEU A 142 -2.50 -2.84 13.13
CA LEU A 142 -2.34 -2.41 14.52
C LEU A 142 -1.59 -1.09 14.48
N GLU A 143 -2.25 -0.04 14.97
CA GLU A 143 -1.81 1.35 14.80
C GLU A 143 -1.87 2.05 16.15
N LEU A 144 -1.17 3.18 16.25
CA LEU A 144 -1.18 4.00 17.45
C LEU A 144 -2.42 4.83 17.54
N LYS A 145 -3.07 4.77 18.69
CA LYS A 145 -4.27 5.51 19.01
C LYS A 145 -3.86 6.95 19.36
N ARG A 146 -4.75 7.89 19.08
CA ARG A 146 -4.60 9.27 19.53
C ARG A 146 -5.96 9.94 19.53
N ALA A 147 -6.01 11.15 20.05
CA ALA A 147 -7.25 11.93 20.06
C ALA A 147 -7.70 12.28 18.64
N ASP A 148 -9.01 12.41 18.47
CA ASP A 148 -9.53 12.79 17.17
C ASP A 148 -9.01 14.15 16.78
N ALA A 149 -8.83 14.34 15.49
CA ALA A 149 -8.38 15.61 14.98
C ALA A 149 -9.09 15.88 13.68
N ALA A 150 -9.55 17.13 13.50
CA ALA A 150 -10.24 17.53 12.27
C ALA A 150 -9.25 17.82 11.16
N PRO A 151 -9.59 17.42 9.92
CA PRO A 151 -8.71 17.71 8.79
C PRO A 151 -8.64 19.19 8.54
N THR A 152 -7.47 19.68 8.15
CA THR A 152 -7.36 21.01 7.55
C THR A 152 -7.56 20.77 6.06
N VAL A 153 -8.64 21.33 5.52
CA VAL A 153 -9.01 21.09 4.13
C VAL A 153 -8.68 22.32 3.26
N SER A 154 -8.07 22.07 2.10
CA SER A 154 -7.69 23.13 1.17
C SER A 154 -7.94 22.69 -0.25
N ILE A 155 -8.54 23.57 -1.02
CA ILE A 155 -8.89 23.28 -2.41
C ILE A 155 -8.12 24.20 -3.38
N PHE A 156 -7.80 23.67 -4.55
CA PHE A 156 -6.95 24.36 -5.51
C PHE A 156 -7.51 24.23 -6.92
N PRO A 157 -7.76 25.39 -7.55
CA PRO A 157 -8.11 25.37 -8.97
C PRO A 157 -6.93 24.92 -9.85
N PRO A 158 -7.24 24.59 -11.11
CA PRO A 158 -6.20 24.32 -12.06
C PRO A 158 -5.24 25.49 -12.20
N SER A 159 -3.97 25.16 -12.38
CA SER A 159 -2.96 26.17 -12.70
C SER A 159 -3.10 26.68 -14.12
N SER A 160 -2.67 27.92 -14.35
CA SER A 160 -2.68 28.50 -15.69
C SER A 160 -1.92 27.64 -16.66
N GLU A 161 -0.78 27.12 -16.19
CA GLU A 161 0.11 26.30 -16.99
C GLU A 161 -0.61 25.06 -17.46
N GLN A 162 -1.34 24.38 -16.57
CA GLN A 162 -2.01 23.17 -16.99
C GLN A 162 -3.10 23.51 -17.99
N LEU A 163 -3.82 24.59 -17.75
CA LEU A 163 -4.93 24.98 -18.63
C LEU A 163 -4.45 25.21 -20.08
N THR A 164 -3.32 25.90 -20.21
CA THR A 164 -2.75 26.17 -21.52
C THR A 164 -2.41 24.89 -22.29
N SER A 165 -2.06 23.84 -21.56
CA SER A 165 -1.77 22.53 -22.15
C SER A 165 -3.03 21.71 -22.53
N GLY A 166 -4.21 22.11 -22.04
CA GLY A 166 -5.46 21.48 -22.39
C GLY A 166 -6.13 20.67 -21.30
N GLY A 167 -5.49 20.60 -20.13
CA GLY A 167 -6.01 19.85 -19.02
C GLY A 167 -6.45 20.72 -17.86
N ALA A 168 -7.18 20.14 -16.91
CA ALA A 168 -7.64 20.88 -15.75
C ALA A 168 -7.80 19.96 -14.55
N SER A 169 -6.82 20.00 -13.62
CA SER A 169 -6.88 19.21 -12.40
C SER A 169 -7.31 20.12 -11.26
N VAL A 170 -8.24 19.64 -10.46
CA VAL A 170 -8.61 20.33 -9.22
C VAL A 170 -8.14 19.46 -8.05
N VAL A 171 -7.45 20.07 -7.09
CA VAL A 171 -6.85 19.33 -5.99
C VAL A 171 -7.44 19.75 -4.64
N CYS A 172 -7.67 18.75 -3.81
CA CYS A 172 -8.12 18.92 -2.43
C CYS A 172 -7.20 18.19 -1.49
N PHE A 173 -6.61 18.89 -0.53
CA PHE A 173 -5.82 18.26 0.54
C PHE A 173 -6.65 18.22 1.81
N LEU A 174 -6.62 17.09 2.51
CA LEU A 174 -7.24 16.95 3.81
C LEU A 174 -6.14 16.45 4.77
N ASN A 175 -5.67 17.34 5.65
CA ASN A 175 -4.40 17.14 6.31
C ASN A 175 -4.54 17.02 7.82
N ASN A 176 -3.76 16.11 8.38
CA ASN A 176 -3.58 15.98 9.84
C ASN A 176 -4.85 15.64 10.59
N PHE A 177 -5.52 14.59 10.12
CA PHE A 177 -6.77 14.15 10.73
C PHE A 177 -6.63 12.80 11.41
N TYR A 178 -7.57 12.54 12.31
CA TYR A 178 -7.62 11.27 13.00
C TYR A 178 -9.07 11.11 13.49
N PRO A 179 -9.67 9.90 13.36
CA PRO A 179 -9.13 8.68 12.82
C PRO A 179 -9.09 8.72 11.31
N LYS A 180 -8.58 7.64 10.72
CA LYS A 180 -8.31 7.57 9.27
C LYS A 180 -9.56 7.53 8.43
N ASP A 181 -10.65 7.10 9.03
CA ASP A 181 -11.91 6.97 8.29
C ASP A 181 -12.45 8.33 7.85
N ILE A 182 -12.62 8.52 6.55
CA ILE A 182 -13.04 9.82 6.01
C ILE A 182 -13.65 9.55 4.65
N ASN A 183 -14.70 10.30 4.34
CA ASN A 183 -15.34 10.22 3.02
C ASN A 183 -15.11 11.56 2.32
N VAL A 184 -14.61 11.52 1.10
CA VAL A 184 -14.39 12.73 0.31
C VAL A 184 -15.19 12.64 -0.97
N LYS A 185 -15.96 13.69 -1.24
CA LYS A 185 -16.80 13.78 -2.40
C LYS A 185 -16.45 15.07 -3.17
N TRP A 186 -16.34 14.97 -4.49
CA TRP A 186 -16.25 16.12 -5.37
C TRP A 186 -17.62 16.47 -5.90
N LYS A 187 -17.96 17.75 -5.92
CA LYS A 187 -19.20 18.18 -6.57
C LYS A 187 -18.86 19.33 -7.50
N ILE A 188 -19.38 19.26 -8.73
CA ILE A 188 -19.20 20.30 -9.72
C ILE A 188 -20.58 20.82 -10.02
N ASP A 189 -20.78 22.12 -9.81
CA ASP A 189 -22.10 22.74 -9.90
C ASP A 189 -23.18 21.94 -9.15
N GLY A 190 -22.80 21.42 -7.99
CA GLY A 190 -23.69 20.76 -7.07
C GLY A 190 -23.92 19.28 -7.32
N SER A 191 -23.33 18.75 -8.38
CA SER A 191 -23.50 17.34 -8.73
C SER A 191 -22.24 16.55 -8.45
N GLU A 192 -22.41 15.41 -7.78
CA GLU A 192 -21.27 14.56 -7.40
C GLU A 192 -20.52 14.07 -8.64
N ARG A 193 -19.20 14.15 -8.57
CA ARG A 193 -18.35 13.68 -9.65
C ARG A 193 -17.49 12.53 -9.12
N GLN A 194 -17.80 11.33 -9.58
CA GLN A 194 -17.16 10.11 -9.09
C GLN A 194 -15.96 9.72 -9.98
N ASN A 195 -16.00 10.11 -11.23
CA ASN A 195 -14.99 9.69 -12.18
C ASN A 195 -13.95 10.76 -12.47
N GLY A 196 -12.75 10.33 -12.85
CA GLY A 196 -11.62 11.25 -13.07
C GLY A 196 -10.82 11.56 -11.81
N VAL A 197 -11.05 10.80 -10.74
CA VAL A 197 -10.46 11.08 -9.42
C VAL A 197 -9.22 10.21 -9.13
N LEU A 198 -8.23 10.80 -8.47
CA LEU A 198 -7.04 10.08 -8.06
C LEU A 198 -6.79 10.45 -6.62
N ASN A 199 -6.86 9.46 -5.74
CA ASN A 199 -6.65 9.67 -4.30
C ASN A 199 -5.38 9.01 -3.83
N SER A 200 -4.72 9.68 -2.90
CA SER A 200 -3.56 9.16 -2.23
C SER A 200 -3.67 9.50 -0.75
N TRP A 201 -3.13 8.61 0.09
CA TRP A 201 -3.17 8.73 1.55
C TRP A 201 -1.76 8.56 2.11
N THR A 202 -1.40 9.27 3.17
CA THR A 202 -0.12 9.03 3.84
C THR A 202 -0.32 7.95 4.90
N ASP A 203 0.78 7.31 5.29
CA ASP A 203 0.73 6.39 6.42
C ASP A 203 0.65 7.22 7.67
N GLN A 204 0.22 6.60 8.77
CA GLN A 204 0.07 7.30 10.04
C GLN A 204 1.37 8.01 10.34
N ASP A 205 1.31 9.30 10.67
CA ASP A 205 2.51 10.11 10.93
C ASP A 205 3.32 9.60 12.13
N SER A 206 4.63 9.51 11.95
CA SER A 206 5.48 8.88 12.95
C SER A 206 5.60 9.71 14.21
N LYS A 207 5.41 11.02 14.11
CA LYS A 207 5.51 11.93 15.26
C LYS A 207 4.17 12.27 15.90
N ASP A 208 3.22 12.76 15.09
CA ASP A 208 1.89 13.16 15.61
C ASP A 208 0.75 12.16 15.39
N SER A 209 1.02 11.04 14.70
CA SER A 209 0.07 9.93 14.57
C SER A 209 -1.21 10.27 13.81
N THR A 210 -1.20 11.38 13.06
CA THR A 210 -2.33 11.71 12.21
C THR A 210 -2.20 11.09 10.82
N TYR A 211 -3.25 11.27 10.04
CA TYR A 211 -3.25 10.91 8.61
C TYR A 211 -3.52 12.14 7.77
N SER A 212 -3.12 12.05 6.50
CA SER A 212 -3.44 13.07 5.52
C SER A 212 -3.85 12.41 4.21
N MET A 213 -4.60 13.16 3.40
CA MET A 213 -5.11 12.69 2.12
C MET A 213 -5.03 13.78 1.06
N SER A 214 -4.80 13.36 -0.18
CA SER A 214 -4.84 14.21 -1.36
C SER A 214 -5.80 13.59 -2.35
N SER A 215 -6.67 14.43 -2.89
CA SER A 215 -7.62 14.02 -3.92
C SER A 215 -7.52 14.95 -5.12
N THR A 216 -7.35 14.38 -6.31
CA THR A 216 -7.21 15.14 -7.53
C THR A 216 -8.28 14.68 -8.53
N LEU A 217 -9.11 15.61 -8.96
CA LEU A 217 -10.15 15.38 -9.97
C LEU A 217 -9.66 16.02 -11.27
N THR A 218 -9.44 15.21 -12.32
CA THR A 218 -8.86 15.71 -13.55
C THR A 218 -9.88 15.72 -14.68
N LEU A 219 -10.03 16.90 -15.25
CA LEU A 219 -10.95 17.18 -16.35
C LEU A 219 -10.21 17.63 -17.57
N THR A 220 -10.92 17.74 -18.68
CA THR A 220 -10.37 18.50 -19.80
C THR A 220 -10.52 19.99 -19.52
N LYS A 221 -9.73 20.82 -20.18
CA LYS A 221 -9.87 22.28 -20.06
C LYS A 221 -11.28 22.70 -20.45
N ASP A 222 -11.77 22.12 -21.54
CA ASP A 222 -13.11 22.48 -22.04
C ASP A 222 -14.20 22.12 -21.04
N GLU A 223 -14.08 20.97 -20.39
CA GLU A 223 -15.07 20.60 -19.38
C GLU A 223 -14.99 21.58 -18.19
N TYR A 224 -13.78 21.86 -17.74
CA TYR A 224 -13.57 22.79 -16.62
C TYR A 224 -14.18 24.16 -16.93
N GLU A 225 -14.01 24.63 -18.17
CA GLU A 225 -14.56 25.94 -18.56
C GLU A 225 -16.08 25.92 -18.76
N ARG A 226 -16.68 24.75 -18.82
CA ARG A 226 -18.16 24.66 -18.86
C ARG A 226 -18.84 24.88 -17.51
N HIS A 227 -18.12 24.71 -16.41
CA HIS A 227 -18.71 24.66 -15.08
C HIS A 227 -18.20 25.76 -14.16
N ASN A 228 -18.97 26.06 -13.13
CA ASN A 228 -18.72 27.24 -12.30
C ASN A 228 -18.21 26.90 -10.91
N SER A 229 -18.97 26.13 -10.13
CA SER A 229 -18.58 25.88 -8.75
C SER A 229 -17.94 24.51 -8.55
N TYR A 230 -16.83 24.52 -7.83
CA TYR A 230 -16.07 23.30 -7.57
C TYR A 230 -16.00 23.15 -6.07
N THR A 231 -16.37 21.97 -5.57
CA THR A 231 -16.47 21.70 -4.14
C THR A 231 -15.84 20.38 -3.77
N CYS A 232 -15.08 20.41 -2.67
CA CYS A 232 -14.48 19.25 -2.04
C CYS A 232 -15.22 19.13 -0.73
N GLU A 233 -15.95 18.03 -0.54
CA GLU A 233 -16.79 17.87 0.68
C GLU A 233 -16.33 16.64 1.43
N ALA A 234 -16.06 16.79 2.72
CA ALA A 234 -15.61 15.67 3.52
C ALA A 234 -16.56 15.38 4.67
N THR A 235 -16.70 14.10 4.96
CA THR A 235 -17.41 13.60 6.13
C THR A 235 -16.41 12.94 7.06
N HIS A 236 -16.34 13.42 8.30
CA HIS A 236 -15.39 12.92 9.27
C HIS A 236 -16.07 13.05 10.63
N LYS A 237 -15.70 12.17 11.55
CA LYS A 237 -16.38 12.14 12.85
C LYS A 237 -16.18 13.39 13.69
N THR A 238 -15.18 14.19 13.36
CA THR A 238 -14.91 15.43 14.10
C THR A 238 -15.87 16.58 13.80
N SER A 239 -16.72 16.44 12.78
CA SER A 239 -17.70 17.46 12.47
C SER A 239 -19.08 16.84 12.34
N THR A 240 -20.08 17.48 12.95
CA THR A 240 -21.46 17.03 12.84
C THR A 240 -22.06 17.37 11.49
N SER A 241 -21.37 18.21 10.71
CA SER A 241 -21.84 18.61 9.40
C SER A 241 -20.72 18.42 8.35
N PRO A 242 -21.08 18.42 7.06
CA PRO A 242 -20.06 18.31 6.02
C PRO A 242 -18.97 19.39 6.14
N ILE A 243 -17.73 18.97 5.91
CA ILE A 243 -16.60 19.88 5.86
C ILE A 243 -16.43 20.23 4.37
N VAL A 244 -16.66 21.50 4.03
CA VAL A 244 -16.75 21.94 2.65
C VAL A 244 -15.73 23.03 2.34
N LYS A 245 -15.00 22.85 1.24
CA LYS A 245 -14.22 23.93 0.66
C LYS A 245 -14.61 24.03 -0.82
N SER A 246 -14.79 25.25 -1.29
CA SER A 246 -15.24 25.48 -2.64
C SER A 246 -14.53 26.67 -3.27
N PHE A 247 -14.62 26.75 -4.58
CA PHE A 247 -14.30 27.97 -5.30
C PHE A 247 -15.18 28.07 -6.54
N ASN A 248 -15.35 29.29 -7.04
CA ASN A 248 -15.94 29.50 -8.35
C ASN A 248 -14.86 29.82 -9.39
N ARG A 249 -14.93 29.17 -10.55
CA ARG A 249 -13.95 29.35 -11.62
C ARG A 249 -13.73 30.83 -11.99
N ASN A 250 -14.79 31.62 -11.88
CA ASN A 250 -14.70 33.04 -12.24
C ASN A 250 -14.14 34.01 -11.20
N GLU A 251 -13.94 33.53 -9.97
CA GLU A 251 -13.57 34.44 -8.88
C GLU A 251 -12.08 34.73 -8.89
N VAL B 1 20.43 -18.57 6.55
CA VAL B 1 19.42 -18.75 5.47
C VAL B 1 18.99 -17.39 4.91
N THR B 2 19.21 -17.20 3.62
CA THR B 2 18.71 -16.01 2.90
C THR B 2 17.96 -16.43 1.63
N LEU B 3 16.97 -15.63 1.27
CA LEU B 3 16.18 -15.77 0.03
C LEU B 3 16.28 -14.46 -0.72
N LYS B 4 16.51 -14.53 -2.03
CA LYS B 4 16.66 -13.32 -2.86
C LYS B 4 15.84 -13.46 -4.12
N GLU B 5 14.86 -12.59 -4.28
CA GLU B 5 14.01 -12.60 -5.47
C GLU B 5 14.60 -11.67 -6.52
N SER B 6 14.52 -12.07 -7.78
CA SER B 6 14.88 -11.19 -8.89
C SER B 6 13.74 -11.21 -9.92
N GLY B 7 13.60 -10.06 -10.58
CA GLY B 7 12.52 -9.79 -11.50
C GLY B 7 12.88 -8.56 -12.32
N PRO B 8 12.13 -8.32 -13.40
CA PRO B 8 12.42 -7.25 -14.34
C PRO B 8 12.10 -5.82 -13.92
N GLY B 9 11.36 -5.65 -12.84
CA GLY B 9 11.00 -4.31 -12.35
C GLY B 9 9.82 -3.66 -13.06
N LEU B 10 9.91 -3.61 -14.39
CA LEU B 10 8.88 -3.04 -15.25
C LEU B 10 8.60 -4.00 -16.40
N LEU B 11 7.31 -4.13 -16.72
CA LEU B 11 6.86 -4.86 -17.93
C LEU B 11 5.75 -4.11 -18.59
N LYS B 12 5.64 -4.33 -19.90
CA LYS B 12 4.49 -3.88 -20.65
C LYS B 12 3.35 -4.91 -20.60
N PRO B 13 2.10 -4.44 -20.65
CA PRO B 13 1.01 -5.38 -20.65
C PRO B 13 1.10 -6.41 -21.79
N SER B 14 0.72 -7.65 -21.48
CA SER B 14 0.82 -8.81 -22.37
C SER B 14 2.16 -9.57 -22.31
N GLN B 15 3.20 -8.99 -21.71
CA GLN B 15 4.47 -9.69 -21.56
C GLN B 15 4.39 -10.77 -20.49
N THR B 16 5.34 -11.68 -20.52
CA THR B 16 5.48 -12.73 -19.53
C THR B 16 6.47 -12.34 -18.47
N LEU B 17 6.01 -12.41 -17.22
CA LEU B 17 6.87 -12.18 -16.06
C LEU B 17 7.70 -13.42 -15.77
N SER B 18 9.02 -13.23 -15.66
CA SER B 18 9.89 -14.31 -15.21
C SER B 18 10.58 -13.92 -13.91
N LEU B 19 10.22 -14.62 -12.83
CA LEU B 19 10.80 -14.40 -11.50
C LEU B 19 11.75 -15.55 -11.13
N THR B 20 12.78 -15.21 -10.35
CA THR B 20 13.72 -16.19 -9.78
C THR B 20 13.82 -15.95 -8.28
N CYS B 21 13.90 -17.03 -7.51
CA CYS B 21 14.25 -16.97 -6.11
C CYS B 21 15.49 -17.80 -5.88
N SER B 22 16.52 -17.14 -5.38
CA SER B 22 17.80 -17.79 -5.12
C SER B 22 18.02 -17.97 -3.60
N PHE B 23 18.37 -19.19 -3.19
CA PHE B 23 18.54 -19.53 -1.78
C PHE B 23 19.99 -19.66 -1.40
N SER B 24 20.34 -19.20 -0.21
CA SER B 24 21.68 -19.32 0.36
C SER B 24 21.59 -19.85 1.78
N GLY B 25 22.61 -20.58 2.22
CA GLY B 25 22.74 -20.92 3.65
C GLY B 25 22.15 -22.27 4.00
N PHE B 26 21.51 -22.88 3.02
CA PHE B 26 21.09 -24.26 3.11
C PHE B 26 20.88 -24.79 1.70
N SER B 27 20.61 -26.09 1.59
CA SER B 27 20.38 -26.78 0.33
C SER B 27 18.89 -27.13 0.13
N ILE B 28 18.31 -26.71 -0.99
CA ILE B 28 16.95 -27.13 -1.32
C ILE B 28 16.87 -28.64 -1.37
N ARG B 29 17.84 -29.26 -2.04
CA ARG B 29 17.89 -30.71 -2.15
C ARG B 29 17.86 -31.42 -0.81
N THR B 30 18.76 -31.04 0.09
CA THR B 30 18.92 -31.77 1.34
C THR B 30 17.75 -31.49 2.29
N SER B 31 17.30 -30.25 2.32
CA SER B 31 16.26 -29.82 3.26
C SER B 31 14.87 -30.31 2.90
N LYS B 32 14.63 -30.52 1.61
CA LYS B 32 13.34 -30.89 1.06
C LYS B 32 12.23 -29.91 1.41
N VAL B 33 12.61 -28.65 1.57
CA VAL B 33 11.62 -27.62 1.86
C VAL B 33 10.80 -27.33 0.63
N GLY B 34 9.51 -27.12 0.83
CA GLY B 34 8.69 -26.55 -0.18
C GLY B 34 8.87 -25.04 -0.28
N VAL B 35 8.53 -24.50 -1.44
CA VAL B 35 8.65 -23.07 -1.69
C VAL B 35 7.41 -22.51 -2.36
N SER B 36 6.93 -21.38 -1.85
CA SER B 36 5.80 -20.66 -2.49
C SER B 36 6.21 -19.31 -3.02
N TRP B 37 5.41 -18.83 -3.97
CA TRP B 37 5.39 -17.43 -4.36
C TRP B 37 4.08 -16.82 -3.81
N ILE B 38 4.22 -15.62 -3.24
CA ILE B 38 3.14 -14.86 -2.66
C ILE B 38 3.31 -13.43 -3.16
N ARG B 39 2.21 -12.76 -3.49
CA ARG B 39 2.32 -11.36 -3.92
C ARG B 39 1.43 -10.43 -3.11
N GLN B 40 1.77 -9.15 -3.18
CA GLN B 40 1.03 -8.08 -2.55
C GLN B 40 0.75 -6.99 -3.60
N PRO B 41 -0.44 -7.04 -4.24
CA PRO B 41 -0.76 -6.02 -5.21
C PRO B 41 -0.80 -4.64 -4.58
N SER B 42 -0.69 -3.61 -5.41
CA SER B 42 -0.69 -2.25 -4.93
C SER B 42 -1.96 -1.99 -4.11
N GLY B 43 -1.73 -1.56 -2.86
CA GLY B 43 -2.83 -1.20 -1.97
C GLY B 43 -3.68 -2.35 -1.46
N LYS B 44 -3.16 -3.57 -1.54
CA LYS B 44 -3.90 -4.75 -1.12
C LYS B 44 -3.08 -5.58 -0.11
N GLY B 45 -3.68 -6.64 0.41
CA GLY B 45 -2.98 -7.55 1.29
C GLY B 45 -2.20 -8.62 0.53
N LEU B 46 -1.83 -9.67 1.23
CA LEU B 46 -1.10 -10.78 0.65
C LEU B 46 -2.00 -11.81 -0.04
N GLU B 47 -1.49 -12.38 -1.14
CA GLU B 47 -2.20 -13.40 -1.90
C GLU B 47 -1.19 -14.50 -2.25
N TRP B 48 -1.52 -15.74 -1.91
CA TRP B 48 -0.67 -16.89 -2.26
C TRP B 48 -0.88 -17.25 -3.74
N LEU B 49 0.21 -17.48 -4.47
CA LEU B 49 0.12 -17.79 -5.91
C LEU B 49 0.35 -19.25 -6.24
N ALA B 50 1.46 -19.80 -5.75
CA ALA B 50 1.88 -21.12 -6.22
C ALA B 50 2.91 -21.68 -5.28
N HIS B 51 3.00 -23.01 -5.24
CA HIS B 51 3.95 -23.75 -4.41
C HIS B 51 4.49 -24.94 -5.16
N ILE B 52 5.76 -25.22 -4.89
CA ILE B 52 6.45 -26.36 -5.48
C ILE B 52 7.11 -27.16 -4.36
N TYR B 53 6.88 -28.46 -4.40
CA TYR B 53 7.45 -29.39 -3.45
C TYR B 53 8.81 -29.92 -3.93
N TRP B 54 9.49 -30.63 -3.03
CA TRP B 54 10.88 -31.07 -3.28
C TRP B 54 10.99 -32.01 -4.50
N ASP B 55 9.90 -32.74 -4.74
CA ASP B 55 9.77 -33.71 -5.85
C ASP B 55 9.09 -33.12 -7.09
N ASP B 56 8.95 -31.79 -7.13
CA ASP B 56 8.44 -31.04 -8.27
C ASP B 56 6.93 -31.12 -8.47
N ASP B 57 6.23 -31.70 -7.49
CA ASP B 57 4.76 -31.58 -7.42
C ASP B 57 4.46 -30.09 -7.21
N LYS B 58 3.32 -29.64 -7.71
CA LYS B 58 2.98 -28.22 -7.69
C LYS B 58 1.54 -28.00 -7.25
N ARG B 59 1.27 -26.84 -6.67
CA ARG B 59 -0.12 -26.41 -6.38
C ARG B 59 -0.23 -24.93 -6.71
N TYR B 60 -1.42 -24.51 -7.13
CA TYR B 60 -1.67 -23.14 -7.58
C TYR B 60 -2.95 -22.58 -7.01
N ASN B 61 -2.98 -21.25 -6.93
CA ASN B 61 -4.23 -20.51 -6.60
C ASN B 61 -5.10 -20.47 -7.86
N PRO B 62 -6.28 -21.11 -7.84
CA PRO B 62 -7.15 -21.11 -9.03
C PRO B 62 -7.44 -19.72 -9.61
N SER B 63 -7.39 -18.69 -8.79
CA SER B 63 -7.77 -17.36 -9.27
C SER B 63 -6.81 -16.92 -10.38
N LEU B 64 -5.56 -17.40 -10.34
CA LEU B 64 -4.54 -17.01 -11.31
C LEU B 64 -3.88 -18.17 -12.03
N GLU B 65 -4.24 -19.39 -11.66
CA GLU B 65 -3.50 -20.61 -12.05
C GLU B 65 -3.28 -20.75 -13.54
N SER B 66 -4.27 -20.39 -14.35
CA SER B 66 -4.15 -20.58 -15.80
C SER B 66 -2.97 -19.80 -16.38
N ARG B 67 -2.51 -18.77 -15.69
CA ARG B 67 -1.42 -17.90 -16.18
C ARG B 67 -0.06 -18.24 -15.55
N LEU B 68 -0.06 -19.15 -14.56
CA LEU B 68 1.09 -19.42 -13.72
C LEU B 68 1.79 -20.72 -14.08
N THR B 69 3.12 -20.69 -14.06
CA THR B 69 3.94 -21.90 -14.10
C THR B 69 5.08 -21.77 -13.08
N ILE B 70 5.11 -22.65 -12.10
CA ILE B 70 6.21 -22.67 -11.11
C ILE B 70 7.11 -23.83 -11.46
N SER B 71 8.40 -23.64 -11.20
CA SER B 71 9.42 -24.62 -11.51
C SER B 71 10.63 -24.39 -10.61
N LYS B 72 11.57 -25.33 -10.65
CA LYS B 72 12.77 -25.21 -9.82
C LYS B 72 13.95 -25.87 -10.50
N ASP B 73 15.13 -25.42 -10.11
CA ASP B 73 16.40 -26.05 -10.45
C ASP B 73 17.16 -26.28 -9.14
N THR B 74 17.06 -27.49 -8.59
CA THR B 74 17.71 -27.82 -7.32
C THR B 74 19.23 -27.66 -7.39
N SER B 75 19.82 -27.97 -8.54
CA SER B 75 21.27 -27.85 -8.67
C SER B 75 21.75 -26.40 -8.57
N ARG B 76 20.85 -25.44 -8.80
CA ARG B 76 21.19 -24.01 -8.73
C ARG B 76 20.64 -23.38 -7.46
N ASP B 77 19.87 -24.15 -6.69
CA ASP B 77 19.28 -23.65 -5.46
C ASP B 77 18.30 -22.52 -5.84
N MET B 78 17.56 -22.75 -6.93
CA MET B 78 16.62 -21.74 -7.41
C MET B 78 15.21 -22.29 -7.66
N VAL B 79 14.23 -21.42 -7.43
CA VAL B 79 12.84 -21.66 -7.78
C VAL B 79 12.36 -20.51 -8.66
N PHE B 80 11.49 -20.83 -9.62
CA PHE B 80 11.10 -19.87 -10.63
C PHE B 80 9.60 -19.73 -10.68
N MET B 81 9.16 -18.59 -11.20
CA MET B 81 7.75 -18.39 -11.50
C MET B 81 7.58 -17.67 -12.82
N LYS B 82 6.71 -18.17 -13.69
CA LYS B 82 6.30 -17.48 -14.91
C LYS B 82 4.82 -17.08 -14.82
N ILE B 83 4.51 -15.83 -15.16
CA ILE B 83 3.13 -15.36 -15.22
C ILE B 83 2.92 -14.75 -16.60
N THR B 84 2.08 -15.37 -17.40
CA THR B 84 1.83 -14.90 -18.75
C THR B 84 0.85 -13.76 -18.80
N SER B 85 0.91 -12.98 -19.87
CA SER B 85 -0.08 -11.96 -20.20
C SER B 85 -0.32 -10.98 -19.07
N VAL B 86 0.76 -10.38 -18.56
CA VAL B 86 0.62 -9.46 -17.45
C VAL B 86 -0.24 -8.27 -17.83
N ASP B 87 -0.86 -7.65 -16.84
CA ASP B 87 -1.64 -6.45 -17.03
C ASP B 87 -1.46 -5.61 -15.77
N THR B 88 -2.09 -4.45 -15.73
CA THR B 88 -1.95 -3.48 -14.63
C THR B 88 -2.10 -4.11 -13.24
N ALA B 89 -3.05 -5.01 -13.08
CA ALA B 89 -3.36 -5.62 -11.78
C ALA B 89 -2.25 -6.52 -11.24
N ASP B 90 -1.29 -6.84 -12.08
CA ASP B 90 -0.12 -7.63 -11.68
C ASP B 90 0.96 -6.77 -11.03
N THR B 91 0.73 -5.46 -11.02
CA THR B 91 1.60 -4.54 -10.31
C THR B 91 1.53 -4.85 -8.80
N ALA B 92 2.66 -5.30 -8.29
CA ALA B 92 2.74 -5.93 -6.99
C ALA B 92 4.19 -6.13 -6.57
N THR B 93 4.36 -6.41 -5.28
CA THR B 93 5.59 -6.98 -4.77
C THR B 93 5.43 -8.48 -4.74
N TYR B 94 6.44 -9.18 -5.27
CA TYR B 94 6.44 -10.63 -5.35
C TYR B 94 7.42 -11.18 -4.34
N TYR B 95 6.92 -12.02 -3.42
CA TYR B 95 7.74 -12.64 -2.41
C TYR B 95 7.93 -14.13 -2.67
N CYS B 96 9.13 -14.60 -2.41
CA CYS B 96 9.46 -16.01 -2.33
C CYS B 96 9.44 -16.31 -0.84
N ALA B 97 8.79 -17.42 -0.48
CA ALA B 97 8.70 -17.83 0.91
C ALA B 97 9.04 -19.32 1.02
N ARG B 98 9.90 -19.65 1.97
CA ARG B 98 10.29 -21.00 2.23
C ARG B 98 9.29 -21.64 3.21
N ARG B 99 8.84 -22.85 2.91
CA ARG B 99 7.95 -23.57 3.79
C ARG B 99 8.82 -24.50 4.66
N GLY B 100 9.51 -23.92 5.63
CA GLY B 100 10.48 -24.68 6.41
C GLY B 100 9.79 -25.44 7.52
N PHE B 101 10.59 -26.16 8.30
CA PHE B 101 10.14 -26.94 9.45
C PHE B 101 11.37 -27.23 10.30
N TYR B 102 11.22 -27.58 11.58
CA TYR B 102 12.38 -28.00 12.39
C TYR B 102 12.54 -29.49 12.24
N GLY B 103 13.76 -29.96 11.96
CA GLY B 103 13.94 -31.34 11.49
C GLY B 103 13.41 -32.27 12.56
N ARG B 104 12.87 -33.44 12.24
CA ARG B 104 12.60 -33.93 10.90
C ARG B 104 11.08 -33.90 10.79
N LYS B 105 10.47 -32.84 11.33
CA LYS B 105 9.02 -32.74 11.43
C LYS B 105 8.46 -32.13 10.14
N TYR B 106 8.51 -32.89 9.05
CA TYR B 106 8.09 -32.40 7.73
C TYR B 106 6.65 -31.88 7.76
N GLU B 107 5.82 -32.51 8.57
CA GLU B 107 4.41 -32.14 8.65
C GLU B 107 4.13 -30.85 9.43
N VAL B 108 5.10 -30.37 10.21
CA VAL B 108 4.99 -29.12 10.95
C VAL B 108 5.78 -28.06 10.17
N ASN B 109 5.21 -27.65 9.04
CA ASN B 109 5.84 -26.69 8.13
C ASN B 109 5.06 -25.38 8.07
N HIS B 110 5.75 -24.33 7.69
CA HIS B 110 5.20 -22.98 7.76
C HIS B 110 6.16 -22.06 7.06
N PHE B 111 5.73 -20.84 6.74
CA PHE B 111 6.60 -19.93 5.97
C PHE B 111 7.57 -19.20 6.90
N ASP B 112 8.71 -19.84 7.14
CA ASP B 112 9.70 -19.37 8.13
C ASP B 112 10.64 -18.27 7.62
N TYR B 113 10.92 -18.28 6.33
CA TYR B 113 11.74 -17.25 5.72
C TYR B 113 11.05 -16.69 4.47
N TRP B 114 10.99 -15.36 4.41
CA TRP B 114 10.53 -14.59 3.25
C TRP B 114 11.66 -13.69 2.73
N GLY B 115 11.76 -13.51 1.42
CA GLY B 115 12.72 -12.56 0.90
C GLY B 115 12.25 -11.14 1.06
N GLN B 116 13.10 -10.23 0.58
CA GLN B 116 12.82 -8.82 0.55
C GLN B 116 11.73 -8.50 -0.47
N GLY B 117 11.55 -9.41 -1.41
CA GLY B 117 10.58 -9.24 -2.49
C GLY B 117 11.17 -8.54 -3.70
N THR B 118 10.51 -8.68 -4.83
CA THR B 118 10.84 -7.90 -6.03
C THR B 118 9.57 -7.18 -6.47
N THR B 119 9.67 -5.88 -6.74
CA THR B 119 8.47 -5.15 -7.13
C THR B 119 8.38 -5.13 -8.66
N LEU B 120 7.16 -5.17 -9.17
CA LEU B 120 6.87 -5.10 -10.59
C LEU B 120 5.87 -4.01 -10.79
N THR B 121 6.09 -3.16 -11.79
CA THR B 121 5.05 -2.27 -12.27
C THR B 121 4.73 -2.63 -13.70
N VAL B 122 3.46 -2.76 -14.01
CA VAL B 122 3.06 -3.05 -15.38
C VAL B 122 2.39 -1.82 -16.01
N SER B 123 2.97 -1.33 -17.10
CA SER B 123 2.52 -0.13 -17.77
C SER B 123 2.98 -0.15 -19.24
N SER B 124 2.14 0.45 -20.10
CA SER B 124 2.49 0.60 -21.49
C SER B 124 3.35 1.82 -21.72
N ALA B 125 3.51 2.68 -20.70
CA ALA B 125 4.26 3.92 -20.88
C ALA B 125 5.74 3.70 -21.06
N LYS B 126 6.32 4.53 -21.93
CA LYS B 126 7.75 4.68 -21.96
C LYS B 126 8.11 5.77 -20.95
N THR B 127 9.40 6.00 -20.80
CA THR B 127 9.87 6.99 -19.90
C THR B 127 9.21 8.30 -20.27
N THR B 128 8.55 8.91 -19.28
CA THR B 128 7.84 10.15 -19.48
C THR B 128 8.11 11.12 -18.34
N ALA B 129 8.50 12.34 -18.70
CA ALA B 129 8.78 13.39 -17.72
C ALA B 129 7.48 13.91 -17.14
N PRO B 130 7.51 14.29 -15.86
CA PRO B 130 6.27 14.83 -15.27
C PRO B 130 5.95 16.24 -15.75
N SER B 131 4.66 16.58 -15.74
CA SER B 131 4.23 17.96 -15.77
C SER B 131 4.11 18.42 -14.31
N VAL B 132 4.72 19.54 -13.98
CA VAL B 132 4.76 20.02 -12.59
C VAL B 132 3.97 21.32 -12.50
N TYR B 133 2.94 21.34 -11.69
CA TYR B 133 2.04 22.47 -11.65
C TYR B 133 1.94 23.04 -10.24
N PRO B 134 2.10 24.38 -10.13
CA PRO B 134 1.99 25.07 -8.85
C PRO B 134 0.53 25.15 -8.42
N LEU B 135 0.27 24.94 -7.13
CA LEU B 135 -1.09 25.04 -6.61
C LEU B 135 -1.16 26.20 -5.61
N ALA B 136 -1.70 27.32 -6.08
CA ALA B 136 -1.96 28.48 -5.22
C ALA B 136 -3.44 28.51 -4.82
N PRO B 137 -3.75 29.08 -3.66
CA PRO B 137 -5.15 29.17 -3.25
C PRO B 137 -5.94 30.17 -4.12
N VAL B 138 -7.28 30.17 -4.07
CA VAL B 138 -8.03 31.36 -4.51
C VAL B 138 -7.81 32.47 -3.49
N CYS B 139 -8.09 33.72 -3.88
CA CYS B 139 -7.80 34.89 -3.04
C CYS B 139 -8.49 34.90 -1.67
N GLY B 140 -9.74 34.43 -1.66
CA GLY B 140 -10.51 34.32 -0.42
C GLY B 140 -9.84 33.44 0.63
N ASP B 141 -9.15 32.40 0.17
CA ASP B 141 -8.51 31.41 1.07
C ASP B 141 -7.15 31.82 1.62
N THR B 142 -6.74 33.07 1.37
CA THR B 142 -5.49 33.59 1.92
C THR B 142 -5.74 34.71 2.94
N THR B 143 -6.91 34.71 3.58
CA THR B 143 -7.25 35.76 4.54
C THR B 143 -6.93 35.35 5.99
N GLY B 144 -6.67 34.07 6.22
CA GLY B 144 -6.46 33.53 7.59
C GLY B 144 -5.02 33.59 8.05
N SER B 145 -4.72 32.96 9.20
CA SER B 145 -3.38 32.98 9.80
C SER B 145 -2.37 32.06 9.13
N SER B 146 -2.86 31.05 8.44
CA SER B 146 -1.97 30.19 7.65
C SER B 146 -2.47 30.08 6.24
N VAL B 147 -1.58 29.60 5.38
CA VAL B 147 -1.93 29.35 3.98
C VAL B 147 -1.32 28.00 3.59
N THR B 148 -2.10 27.18 2.89
CA THR B 148 -1.59 25.92 2.33
C THR B 148 -1.38 26.08 0.81
N LEU B 149 -0.18 25.69 0.38
CA LEU B 149 0.23 25.70 -1.02
C LEU B 149 0.46 24.28 -1.43
N GLY B 150 0.56 24.06 -2.72
CA GLY B 150 0.83 22.72 -3.17
C GLY B 150 1.50 22.63 -4.51
N CYS B 151 1.79 21.39 -4.87
CA CYS B 151 2.49 21.10 -6.10
C CYS B 151 1.96 19.79 -6.66
N LEU B 152 1.56 19.78 -7.93
CA LEU B 152 1.01 18.60 -8.57
C LEU B 152 2.03 18.11 -9.59
N VAL B 153 2.41 16.84 -9.49
CA VAL B 153 3.42 16.24 -10.32
C VAL B 153 2.72 15.14 -11.11
N LYS B 154 2.38 15.43 -12.37
CA LYS B 154 1.40 14.67 -13.08
C LYS B 154 1.98 13.94 -14.28
N GLY B 155 1.63 12.67 -14.43
CA GLY B 155 1.85 11.97 -15.68
C GLY B 155 3.28 11.58 -15.98
N TYR B 156 4.00 11.02 -15.00
CA TYR B 156 5.37 10.57 -15.24
C TYR B 156 5.50 9.05 -15.17
N PHE B 157 6.62 8.58 -15.69
CA PHE B 157 6.95 7.16 -15.65
C PHE B 157 8.44 6.97 -15.94
N PRO B 158 9.11 6.06 -15.19
CA PRO B 158 8.61 5.33 -14.05
C PRO B 158 8.86 6.11 -12.77
N GLU B 159 8.61 5.47 -11.63
CA GLU B 159 9.09 6.03 -10.36
C GLU B 159 10.62 5.95 -10.30
N PRO B 160 11.25 6.74 -9.42
CA PRO B 160 10.69 7.74 -8.52
C PRO B 160 10.79 9.16 -9.04
N VAL B 161 10.09 10.07 -8.39
CA VAL B 161 10.47 11.48 -8.43
C VAL B 161 10.89 11.87 -7.03
N THR B 162 11.64 12.96 -6.94
CA THR B 162 11.94 13.60 -5.66
C THR B 162 11.36 15.00 -5.68
N LEU B 163 10.55 15.29 -4.66
CA LEU B 163 9.94 16.58 -4.50
C LEU B 163 10.45 17.22 -3.21
N THR B 164 10.94 18.46 -3.32
CA THR B 164 11.32 19.26 -2.16
C THR B 164 10.74 20.66 -2.28
N TRP B 165 10.77 21.37 -1.15
CA TRP B 165 10.25 22.73 -1.05
C TRP B 165 11.42 23.61 -0.65
N ASN B 166 11.64 24.68 -1.42
CA ASN B 166 12.79 25.58 -1.24
C ASN B 166 14.09 24.81 -1.09
N SER B 167 14.33 23.93 -2.05
CA SER B 167 15.59 23.14 -2.11
C SER B 167 15.85 22.32 -0.85
N GLY B 168 14.79 21.94 -0.15
CA GLY B 168 14.88 21.18 1.08
C GLY B 168 14.89 21.97 2.38
N SER B 169 14.99 23.30 2.30
CA SER B 169 14.98 24.10 3.52
C SER B 169 13.62 24.21 4.22
N LEU B 170 12.56 23.93 3.47
CA LEU B 170 11.22 23.97 4.01
C LEU B 170 10.74 22.52 4.19
N SER B 171 10.69 22.08 5.43
CA SER B 171 10.36 20.69 5.74
C SER B 171 9.19 20.56 6.70
N SER B 172 9.05 21.53 7.59
CA SER B 172 7.94 21.50 8.51
C SER B 172 6.68 21.87 7.78
N GLY B 173 5.58 21.23 8.18
CA GLY B 173 4.30 21.52 7.61
C GLY B 173 4.13 20.97 6.22
N VAL B 174 4.99 20.05 5.78
CA VAL B 174 4.87 19.43 4.44
C VAL B 174 4.21 18.04 4.49
N HIS B 175 3.39 17.74 3.48
CA HIS B 175 2.85 16.39 3.29
C HIS B 175 3.05 16.03 1.85
N THR B 176 3.96 15.11 1.58
CA THR B 176 4.19 14.59 0.24
C THR B 176 3.57 13.20 0.16
N PHE B 177 2.65 13.03 -0.80
CA PHE B 177 1.81 11.85 -0.87
C PHE B 177 2.42 10.80 -1.75
N PRO B 178 2.23 9.54 -1.41
CA PRO B 178 2.73 8.47 -2.23
C PRO B 178 2.24 8.58 -3.68
N ALA B 179 3.10 8.20 -4.62
CA ALA B 179 2.64 8.21 -6.02
C ALA B 179 1.57 7.15 -6.25
N VAL B 180 0.69 7.43 -7.21
CA VAL B 180 -0.32 6.48 -7.61
C VAL B 180 -0.28 6.31 -9.12
N LEU B 181 -0.31 5.05 -9.54
CA LEU B 181 -0.37 4.67 -10.96
C LEU B 181 -1.81 4.69 -11.47
N GLN B 182 -2.04 5.43 -12.54
CA GLN B 182 -3.38 5.50 -13.14
C GLN B 182 -3.27 5.82 -14.64
N SER B 183 -4.05 5.13 -15.46
CA SER B 183 -3.94 5.26 -16.90
C SER B 183 -2.45 5.18 -17.32
N ASP B 184 -1.71 4.23 -16.74
CA ASP B 184 -0.31 3.89 -17.07
C ASP B 184 0.80 4.86 -16.63
N LEU B 185 0.41 5.97 -15.99
CA LEU B 185 1.32 7.01 -15.55
C LEU B 185 1.13 7.27 -14.05
N TYR B 186 2.19 7.74 -13.43
CA TYR B 186 2.15 8.13 -12.01
C TYR B 186 1.75 9.58 -11.81
N THR B 187 1.05 9.85 -10.71
CA THR B 187 0.81 11.20 -10.25
C THR B 187 1.16 11.25 -8.77
N LEU B 188 1.76 12.36 -8.38
CA LEU B 188 2.17 12.61 -7.00
C LEU B 188 1.76 14.05 -6.68
N SER B 189 1.58 14.37 -5.40
CA SER B 189 1.32 15.74 -4.99
C SER B 189 1.94 15.97 -3.64
N SER B 190 2.13 17.25 -3.35
CA SER B 190 2.65 17.67 -2.06
C SER B 190 2.00 18.98 -1.62
N SER B 191 1.71 19.10 -0.32
CA SER B 191 1.20 20.34 0.24
C SER B 191 2.20 20.88 1.24
N VAL B 192 2.24 22.20 1.37
CA VAL B 192 3.04 22.81 2.44
C VAL B 192 2.21 23.93 3.05
N THR B 193 2.19 23.98 4.39
CA THR B 193 1.41 24.97 5.14
C THR B 193 2.35 25.88 5.91
N VAL B 194 2.17 27.18 5.70
CA VAL B 194 3.06 28.21 6.26
C VAL B 194 2.22 29.36 6.83
N THR B 195 2.84 30.26 7.59
CA THR B 195 2.09 31.42 8.06
C THR B 195 1.76 32.39 6.94
N SER B 196 0.64 33.10 7.10
CA SER B 196 0.24 34.12 6.15
C SER B 196 1.28 35.24 6.03
N SER B 197 2.06 35.48 7.08
CA SER B 197 3.16 36.43 7.01
C SER B 197 4.35 35.94 6.17
N THR B 198 4.41 34.64 5.90
CA THR B 198 5.50 34.03 5.15
C THR B 198 5.28 34.12 3.65
N TRP B 199 4.06 33.86 3.19
CA TRP B 199 3.73 33.79 1.78
C TRP B 199 2.44 34.59 1.55
N PRO B 200 2.41 35.39 0.47
CA PRO B 200 3.39 35.46 -0.61
C PRO B 200 4.58 36.41 -0.44
N SER B 201 4.80 37.00 0.75
CA SER B 201 5.90 37.96 0.91
C SER B 201 7.28 37.32 0.72
N GLU B 202 7.42 36.04 1.07
CA GLU B 202 8.62 35.28 0.76
C GLU B 202 8.30 34.21 -0.30
N SER B 203 9.31 33.82 -1.05
CA SER B 203 9.14 32.88 -2.14
C SER B 203 9.10 31.45 -1.62
N ILE B 204 8.19 30.67 -2.20
CA ILE B 204 8.08 29.23 -1.96
C ILE B 204 8.01 28.54 -3.31
N THR B 205 8.91 27.58 -3.50
CA THR B 205 9.13 26.89 -4.75
C THR B 205 9.13 25.39 -4.52
N CYS B 206 8.39 24.69 -5.39
CA CYS B 206 8.39 23.23 -5.50
C CYS B 206 9.55 22.85 -6.41
N ASN B 207 10.44 21.98 -5.98
CA ASN B 207 11.54 21.46 -6.80
C ASN B 207 11.26 19.99 -7.09
N VAL B 208 11.23 19.60 -8.35
CA VAL B 208 10.91 18.22 -8.70
C VAL B 208 11.97 17.63 -9.62
N ALA B 209 12.53 16.48 -9.23
CA ALA B 209 13.51 15.77 -10.05
C ALA B 209 12.91 14.44 -10.45
N HIS B 210 13.06 14.10 -11.73
CA HIS B 210 12.64 12.80 -12.23
C HIS B 210 13.86 12.23 -12.96
N PRO B 211 14.67 11.44 -12.25
CA PRO B 211 15.94 10.98 -12.80
C PRO B 211 15.83 10.16 -14.09
N ALA B 212 14.76 9.38 -14.25
CA ALA B 212 14.61 8.54 -15.43
C ALA B 212 14.58 9.36 -16.72
N SER B 213 14.03 10.58 -16.66
CA SER B 213 13.94 11.48 -17.82
C SER B 213 14.96 12.64 -17.73
N SER B 214 15.85 12.54 -16.74
CA SER B 214 16.85 13.57 -16.50
C SER B 214 16.25 14.99 -16.39
N THR B 215 15.08 15.12 -15.76
CA THR B 215 14.45 16.42 -15.66
C THR B 215 14.50 16.94 -14.23
N LYS B 216 14.64 18.25 -14.11
CA LYS B 216 14.62 18.94 -12.84
C LYS B 216 13.86 20.24 -13.11
N VAL B 217 12.82 20.50 -12.35
CA VAL B 217 11.95 21.62 -12.61
C VAL B 217 11.73 22.31 -11.29
N ASP B 218 11.79 23.64 -11.28
CA ASP B 218 11.45 24.43 -10.11
C ASP B 218 10.19 25.21 -10.49
N LYS B 219 9.16 25.14 -9.67
CA LYS B 219 7.92 25.87 -9.93
C LYS B 219 7.64 26.72 -8.70
N LYS B 220 7.77 28.04 -8.87
CA LYS B 220 7.44 28.98 -7.82
C LYS B 220 5.91 28.99 -7.65
N ILE B 221 5.45 29.06 -6.40
CA ILE B 221 4.02 29.13 -6.14
C ILE B 221 3.70 30.62 -6.08
N VAL B 222 2.91 31.08 -7.04
CA VAL B 222 2.60 32.50 -7.18
C VAL B 222 1.11 32.74 -6.92
N PRO B 223 0.77 33.85 -6.22
CA PRO B 223 -0.62 34.12 -5.92
C PRO B 223 -1.44 34.26 -7.18
N ARG B 224 -2.71 33.91 -7.11
CA ARG B 224 -3.58 34.03 -8.26
C ARG B 224 -4.03 35.48 -8.39
N ALA C 2 -9.96 -28.87 -1.95
CA ALA C 2 -8.84 -29.84 -2.12
C ALA C 2 -7.76 -29.50 -1.12
N GLU C 3 -7.30 -30.51 -0.40
CA GLU C 3 -6.35 -30.28 0.67
C GLU C 3 -4.98 -29.99 0.12
N PHE C 4 -4.26 -29.13 0.81
CA PHE C 4 -2.85 -28.89 0.52
C PHE C 4 -2.06 -30.12 0.96
N ARG C 5 -1.06 -30.51 0.20
CA ARG C 5 -0.21 -31.64 0.57
C ARG C 5 0.77 -31.28 1.69
N HIS C 6 0.80 -32.13 2.72
CA HIS C 6 1.78 -32.04 3.79
C HIS C 6 2.45 -33.39 3.95
N ASP C 7 3.77 -33.41 3.81
CA ASP C 7 4.53 -34.65 3.95
C ASP C 7 4.78 -34.99 5.41
N SER C 8 5.09 -36.24 5.67
CA SER C 8 5.32 -36.71 7.04
C SER C 8 6.72 -37.33 7.18
#